data_3GAL
#
_entry.id   3GAL
#
_cell.length_a   95.590
_cell.length_b   54.620
_cell.length_c   61.200
_cell.angle_alpha   90.00
_cell.angle_beta   115.06
_cell.angle_gamma   90.00
#
_symmetry.space_group_name_H-M   'C 1 2 1'
#
loop_
_entity.id
_entity.type
_entity.pdbx_description
1 polymer GALECTIN-7
2 non-polymer 2-amino-2-deoxy-beta-D-galactopyranose
3 water water
#
_entity_poly.entity_id   1
_entity_poly.type   'polypeptide(L)'
_entity_poly.pdbx_seq_one_letter_code
;SNVPHKSSLPEGIRPGTVLRIRGLVPPNASRFHVNLLCGEEQGSDAALHFNPRLDTSEVVFNSKEQGSWGREERGPGVPF
QRGQPFEVLIIASDDGFKAVVGDAQYHHFRHRLPLARVRLVEVGGDVQLDSVRIF
;
_entity_poly.pdbx_strand_id   A,B
#
# COMPACT_ATOMS: atom_id res chain seq x y z
N ASN A 2 4.89 -20.60 10.08
CA ASN A 2 3.57 -20.40 9.41
C ASN A 2 2.51 -21.46 9.84
N VAL A 3 1.33 -21.36 9.24
CA VAL A 3 0.19 -22.25 9.47
C VAL A 3 -0.92 -21.74 8.52
N PRO A 4 -1.83 -22.63 8.08
CA PRO A 4 -2.93 -22.21 7.19
C PRO A 4 -3.64 -21.03 7.85
N HIS A 5 -3.11 -19.84 7.57
CA HIS A 5 -3.56 -18.59 8.18
C HIS A 5 -4.79 -17.85 7.64
N LYS A 6 -5.70 -17.52 8.57
CA LYS A 6 -6.92 -16.83 8.23
C LYS A 6 -7.14 -15.54 9.01
N SER A 7 -7.70 -14.54 8.33
CA SER A 7 -8.01 -13.24 8.91
C SER A 7 -9.45 -12.94 8.51
N SER A 8 -10.41 -13.03 9.41
CA SER A 8 -11.77 -12.72 8.99
C SER A 8 -11.97 -11.23 8.94
N LEU A 9 -12.75 -10.81 7.96
CA LEU A 9 -13.10 -9.42 7.75
C LEU A 9 -14.62 -9.47 7.67
N PRO A 10 -15.27 -9.77 8.81
CA PRO A 10 -16.73 -9.88 8.88
C PRO A 10 -17.53 -8.67 8.42
N GLU A 11 -16.92 -7.49 8.40
CA GLU A 11 -17.66 -6.31 7.99
C GLU A 11 -17.24 -5.87 6.59
N GLY A 12 -16.43 -6.68 5.93
CA GLY A 12 -15.96 -6.37 4.58
C GLY A 12 -14.84 -5.33 4.45
N ILE A 13 -14.44 -5.03 3.23
CA ILE A 13 -13.42 -4.04 2.99
C ILE A 13 -13.84 -3.11 1.85
N ARG A 14 -13.28 -1.91 1.82
CA ARG A 14 -13.64 -0.95 0.79
C ARG A 14 -12.38 -0.57 0.03
N PRO A 15 -12.55 0.07 -1.14
CA PRO A 15 -11.38 0.47 -1.91
C PRO A 15 -10.49 1.29 -0.97
N GLY A 16 -9.17 1.14 -1.10
CA GLY A 16 -8.30 1.86 -0.21
C GLY A 16 -7.74 0.94 0.85
N THR A 17 -8.14 -0.32 0.81
CA THR A 17 -7.63 -1.31 1.76
C THR A 17 -6.38 -1.94 1.14
N VAL A 18 -5.33 -2.08 1.94
CA VAL A 18 -4.08 -2.67 1.48
C VAL A 18 -3.70 -3.87 2.35
N LEU A 19 -3.52 -5.01 1.70
CA LEU A 19 -3.12 -6.24 2.37
C LEU A 19 -1.61 -6.33 2.23
N ARG A 20 -0.88 -6.40 3.32
CA ARG A 20 0.55 -6.52 3.20
C ARG A 20 0.98 -7.85 3.77
N ILE A 21 1.53 -8.70 2.91
CA ILE A 21 1.96 -10.00 3.35
C ILE A 21 3.47 -10.10 3.26
N ARG A 22 4.10 -10.46 4.37
CA ARG A 22 5.54 -10.61 4.43
C ARG A 22 5.85 -12.07 4.78
N GLY A 23 6.84 -12.65 4.12
CA GLY A 23 7.17 -14.04 4.40
C GLY A 23 8.38 -14.57 3.67
N LEU A 24 8.50 -15.90 3.66
CA LEU A 24 9.62 -16.58 3.03
C LEU A 24 9.16 -17.85 2.31
N VAL A 25 9.75 -18.10 1.14
CA VAL A 25 9.41 -19.29 0.38
C VAL A 25 10.38 -20.34 0.90
N PRO A 26 9.87 -21.46 1.47
CA PRO A 26 10.75 -22.50 2.00
C PRO A 26 11.55 -23.15 0.86
N PRO A 27 12.72 -23.72 1.18
CA PRO A 27 13.62 -24.37 0.22
C PRO A 27 13.03 -25.36 -0.79
N ASN A 28 12.04 -26.15 -0.39
CA ASN A 28 11.43 -27.12 -1.32
C ASN A 28 9.99 -26.82 -1.67
N ALA A 29 9.61 -25.55 -1.55
CA ALA A 29 8.25 -25.13 -1.84
C ALA A 29 7.85 -25.42 -3.27
N SER A 30 6.61 -25.85 -3.45
CA SER A 30 6.14 -26.09 -4.79
C SER A 30 5.19 -24.93 -5.15
N ARG A 31 4.25 -24.61 -4.26
CA ARG A 31 3.33 -23.47 -4.48
C ARG A 31 2.57 -23.01 -3.24
N PHE A 32 2.13 -21.75 -3.25
CA PHE A 32 1.33 -21.21 -2.14
C PHE A 32 0.28 -20.27 -2.71
N HIS A 33 -0.69 -19.87 -1.90
CA HIS A 33 -1.71 -19.01 -2.44
C HIS A 33 -2.27 -18.07 -1.40
N VAL A 34 -2.92 -17.01 -1.89
CA VAL A 34 -3.58 -16.04 -1.03
C VAL A 34 -4.98 -15.96 -1.64
N ASN A 35 -5.99 -16.19 -0.82
CA ASN A 35 -7.35 -16.15 -1.33
C ASN A 35 -8.11 -15.07 -0.59
N LEU A 36 -8.95 -14.34 -1.32
CA LEU A 36 -9.82 -13.35 -0.73
C LEU A 36 -11.14 -14.04 -0.96
N LEU A 37 -11.71 -14.57 0.12
CA LEU A 37 -12.94 -15.34 0.05
C LEU A 37 -14.17 -14.58 0.46
N CYS A 38 -15.31 -15.03 -0.06
CA CYS A 38 -16.59 -14.39 0.23
C CYS A 38 -17.38 -15.04 1.38
N GLY A 39 -16.71 -15.80 2.21
CA GLY A 39 -17.41 -16.43 3.32
C GLY A 39 -16.50 -17.38 4.06
N GLU A 40 -16.95 -17.87 5.21
CA GLU A 40 -16.14 -18.81 5.96
C GLU A 40 -16.47 -20.26 5.63
N GLU A 41 -17.62 -20.48 5.00
CA GLU A 41 -18.06 -21.81 4.64
C GLU A 41 -17.13 -22.44 3.60
N GLN A 42 -17.09 -23.77 3.59
CA GLN A 42 -16.25 -24.53 2.66
C GLN A 42 -16.79 -24.36 1.25
N GLY A 43 -15.91 -24.12 0.29
CA GLY A 43 -16.37 -23.96 -1.08
C GLY A 43 -16.86 -22.56 -1.42
N SER A 44 -16.64 -21.61 -0.51
CA SER A 44 -17.07 -20.22 -0.69
C SER A 44 -16.42 -19.64 -1.93
N ASP A 45 -17.11 -18.70 -2.58
CA ASP A 45 -16.57 -18.06 -3.78
C ASP A 45 -15.29 -17.33 -3.44
N ALA A 46 -14.40 -17.23 -4.42
CA ALA A 46 -13.13 -16.55 -4.24
C ALA A 46 -13.13 -15.33 -5.15
N ALA A 47 -13.10 -14.14 -4.55
CA ALA A 47 -13.07 -12.90 -5.33
C ALA A 47 -11.69 -12.85 -5.99
N LEU A 48 -10.70 -13.38 -5.29
CA LEU A 48 -9.33 -13.43 -5.81
C LEU A 48 -8.52 -14.63 -5.27
N HIS A 49 -7.85 -15.33 -6.19
CA HIS A 49 -6.95 -16.44 -5.89
C HIS A 49 -5.61 -16.02 -6.52
N PHE A 50 -4.60 -15.77 -5.69
CA PHE A 50 -3.29 -15.35 -6.15
C PHE A 50 -2.42 -16.57 -5.86
N ASN A 51 -1.92 -17.20 -6.92
CA ASN A 51 -1.19 -18.46 -6.77
C ASN A 51 0.23 -18.61 -7.35
N PRO A 52 1.26 -18.12 -6.64
CA PRO A 52 2.62 -18.28 -7.17
C PRO A 52 2.94 -19.79 -7.21
N ARG A 53 3.38 -20.30 -8.35
CA ARG A 53 3.71 -21.72 -8.53
C ARG A 53 5.19 -21.88 -8.85
N LEU A 54 5.98 -22.25 -7.86
CA LEU A 54 7.40 -22.42 -8.05
C LEU A 54 7.66 -23.67 -8.87
N ASP A 55 6.78 -24.66 -8.79
CA ASP A 55 6.98 -25.89 -9.54
C ASP A 55 6.79 -25.75 -11.05
N THR A 56 5.88 -24.87 -11.46
CA THR A 56 5.64 -24.66 -12.87
C THR A 56 6.08 -23.26 -13.33
N SER A 57 6.81 -22.55 -12.47
CA SER A 57 7.33 -21.22 -12.77
C SER A 57 6.31 -20.24 -13.37
N GLU A 58 5.19 -20.05 -12.69
CA GLU A 58 4.15 -19.14 -13.14
C GLU A 58 3.45 -18.59 -11.90
N VAL A 59 2.72 -17.49 -12.08
CA VAL A 59 1.94 -16.93 -10.99
C VAL A 59 0.57 -16.76 -11.62
N VAL A 60 -0.41 -17.46 -11.07
CA VAL A 60 -1.75 -17.44 -11.61
C VAL A 60 -2.74 -16.65 -10.75
N PHE A 61 -3.65 -15.97 -11.43
CA PHE A 61 -4.69 -15.15 -10.79
C PHE A 61 -6.03 -15.68 -11.29
N ASN A 62 -7.00 -15.87 -10.41
CA ASN A 62 -8.30 -16.35 -10.85
C ASN A 62 -9.34 -16.08 -9.79
N SER A 63 -10.60 -16.35 -10.13
CA SER A 63 -11.71 -16.18 -9.20
C SER A 63 -12.44 -17.53 -9.20
N LYS A 64 -13.26 -17.76 -8.19
CA LYS A 64 -14.02 -18.99 -8.11
C LYS A 64 -15.46 -18.64 -7.77
N GLU A 65 -16.37 -19.12 -8.61
CA GLU A 65 -17.77 -18.84 -8.44
C GLU A 65 -18.61 -20.11 -8.51
N GLN A 66 -19.42 -20.35 -7.47
CA GLN A 66 -20.27 -21.54 -7.41
C GLN A 66 -19.47 -22.81 -7.70
N GLY A 67 -18.27 -22.89 -7.14
CA GLY A 67 -17.45 -24.06 -7.34
C GLY A 67 -16.55 -24.12 -8.55
N SER A 68 -16.77 -23.26 -9.55
CA SER A 68 -15.95 -23.28 -10.77
C SER A 68 -14.95 -22.13 -10.87
N TRP A 69 -13.73 -22.47 -11.29
CA TRP A 69 -12.70 -21.47 -11.47
C TRP A 69 -13.01 -20.75 -12.77
N GLY A 70 -12.66 -19.47 -12.82
CA GLY A 70 -12.90 -18.72 -14.04
C GLY A 70 -11.71 -18.76 -14.96
N ARG A 71 -11.58 -17.73 -15.80
CA ARG A 71 -10.49 -17.62 -16.74
C ARG A 71 -9.20 -17.19 -16.01
N GLU A 72 -8.15 -17.97 -16.21
CA GLU A 72 -6.86 -17.71 -15.58
C GLU A 72 -6.12 -16.54 -16.22
N GLU A 73 -5.45 -15.75 -15.39
CA GLU A 73 -4.63 -14.63 -15.86
C GLU A 73 -3.27 -14.95 -15.25
N ARG A 74 -2.20 -14.48 -15.87
CA ARG A 74 -0.87 -14.74 -15.35
C ARG A 74 -0.06 -13.46 -15.41
N GLY A 75 0.84 -13.28 -14.45
CA GLY A 75 1.69 -12.12 -14.48
C GLY A 75 2.95 -12.52 -15.24
N PRO A 76 3.94 -11.64 -15.40
CA PRO A 76 5.17 -12.00 -16.12
C PRO A 76 6.16 -12.78 -15.23
N GLY A 77 6.58 -13.95 -15.67
CA GLY A 77 7.53 -14.75 -14.90
C GLY A 77 7.14 -15.04 -13.46
N VAL A 78 8.14 -15.31 -12.64
CA VAL A 78 7.94 -15.63 -11.23
C VAL A 78 8.89 -14.81 -10.36
N PRO A 79 8.37 -13.77 -9.69
CA PRO A 79 9.17 -12.91 -8.83
C PRO A 79 9.32 -13.45 -7.43
N PHE A 80 9.45 -14.77 -7.30
CA PHE A 80 9.63 -15.44 -6.00
C PHE A 80 10.68 -16.52 -6.18
N GLN A 81 11.48 -16.78 -5.16
CA GLN A 81 12.43 -17.86 -5.29
C GLN A 81 12.66 -18.57 -3.95
N ARG A 82 12.71 -19.90 -4.04
CA ARG A 82 12.88 -20.77 -2.88
C ARG A 82 14.01 -20.34 -2.02
N GLY A 83 13.77 -20.35 -0.72
CA GLY A 83 14.81 -19.96 0.21
C GLY A 83 14.89 -18.47 0.40
N GLN A 84 14.00 -17.70 -0.23
CA GLN A 84 14.04 -16.23 -0.11
C GLN A 84 12.80 -15.54 0.43
N PRO A 85 12.99 -14.41 1.12
CA PRO A 85 11.93 -13.59 1.70
C PRO A 85 11.19 -12.85 0.59
N PHE A 86 9.97 -12.43 0.84
CA PHE A 86 9.24 -11.70 -0.18
C PHE A 86 8.27 -10.77 0.54
N GLU A 87 7.73 -9.82 -0.20
CA GLU A 87 6.75 -8.89 0.34
C GLU A 87 5.75 -8.64 -0.77
N VAL A 88 4.50 -8.82 -0.45
CA VAL A 88 3.43 -8.63 -1.42
C VAL A 88 2.42 -7.64 -0.89
N LEU A 89 2.00 -6.73 -1.75
CA LEU A 89 0.97 -5.79 -1.40
C LEU A 89 -0.20 -6.12 -2.32
N ILE A 90 -1.36 -6.31 -1.74
CA ILE A 90 -2.53 -6.53 -2.56
C ILE A 90 -3.37 -5.29 -2.21
N ILE A 91 -3.60 -4.44 -3.21
CA ILE A 91 -4.35 -3.21 -3.00
C ILE A 91 -5.71 -3.29 -3.64
N ALA A 92 -6.74 -2.97 -2.87
CA ALA A 92 -8.10 -3.00 -3.36
C ALA A 92 -8.49 -1.63 -3.83
N SER A 93 -8.86 -1.52 -5.08
CA SER A 93 -9.30 -0.25 -5.62
C SER A 93 -10.70 -0.47 -6.17
N ASP A 94 -11.27 0.57 -6.73
CA ASP A 94 -12.62 0.50 -7.28
C ASP A 94 -12.76 -0.45 -8.46
N ASP A 95 -11.70 -0.55 -9.26
CA ASP A 95 -11.80 -1.39 -10.43
C ASP A 95 -11.09 -2.75 -10.35
N GLY A 96 -10.34 -2.99 -9.29
CA GLY A 96 -9.67 -4.27 -9.17
C GLY A 96 -8.70 -4.36 -8.02
N PHE A 97 -7.85 -5.37 -8.10
CA PHE A 97 -6.84 -5.57 -7.08
C PHE A 97 -5.55 -5.37 -7.80
N LYS A 98 -4.63 -4.63 -7.19
CA LYS A 98 -3.33 -4.45 -7.79
C LYS A 98 -2.40 -5.28 -6.89
N ALA A 99 -1.53 -6.06 -7.52
CA ALA A 99 -0.58 -6.86 -6.78
C ALA A 99 0.81 -6.29 -6.97
N VAL A 100 1.49 -6.04 -5.86
CA VAL A 100 2.85 -5.50 -5.91
C VAL A 100 3.77 -6.52 -5.26
N VAL A 101 4.81 -6.94 -5.96
CA VAL A 101 5.75 -7.89 -5.37
C VAL A 101 7.07 -7.15 -5.24
N GLY A 102 7.57 -7.07 -4.02
CA GLY A 102 8.81 -6.38 -3.79
C GLY A 102 8.59 -4.91 -4.08
N ASP A 103 9.37 -4.36 -4.99
CA ASP A 103 9.20 -2.96 -5.30
C ASP A 103 8.57 -2.71 -6.65
N ALA A 104 7.93 -3.73 -7.21
CA ALA A 104 7.36 -3.57 -8.53
C ALA A 104 5.87 -3.90 -8.61
N GLN A 105 5.17 -3.14 -9.43
CA GLN A 105 3.76 -3.39 -9.67
C GLN A 105 3.80 -4.67 -10.50
N TYR A 106 3.10 -5.71 -10.08
CA TYR A 106 3.16 -6.98 -10.80
C TYR A 106 1.98 -7.32 -11.74
N HIS A 107 0.76 -7.09 -11.28
CA HIS A 107 -0.40 -7.41 -12.10
C HIS A 107 -1.61 -6.66 -11.58
N HIS A 108 -2.53 -6.38 -12.48
CA HIS A 108 -3.76 -5.73 -12.09
C HIS A 108 -4.90 -6.70 -12.45
N PHE A 109 -5.66 -7.12 -11.44
CA PHE A 109 -6.75 -8.10 -11.62
C PHE A 109 -8.07 -7.36 -11.45
N ARG A 110 -8.80 -7.19 -12.54
CA ARG A 110 -10.05 -6.46 -12.45
C ARG A 110 -11.13 -7.27 -11.73
N HIS A 111 -11.93 -6.60 -10.90
CA HIS A 111 -12.98 -7.25 -10.12
C HIS A 111 -13.90 -8.11 -10.96
N ARG A 112 -14.15 -9.33 -10.47
CA ARG A 112 -15.05 -10.27 -11.13
C ARG A 112 -16.31 -10.43 -10.27
N LEU A 113 -16.12 -10.40 -8.96
CA LEU A 113 -17.21 -10.48 -8.02
C LEU A 113 -17.17 -9.15 -7.29
N PRO A 114 -18.29 -8.74 -6.69
CA PRO A 114 -18.32 -7.47 -5.97
C PRO A 114 -17.34 -7.48 -4.80
N LEU A 115 -16.55 -6.42 -4.69
CA LEU A 115 -15.59 -6.28 -3.61
C LEU A 115 -16.33 -6.40 -2.28
N ALA A 116 -17.55 -5.90 -2.25
CA ALA A 116 -18.36 -5.91 -1.04
C ALA A 116 -18.60 -7.31 -0.51
N ARG A 117 -18.36 -8.34 -1.31
CA ARG A 117 -18.58 -9.71 -0.87
C ARG A 117 -17.41 -10.36 -0.11
N VAL A 118 -16.23 -9.74 -0.20
CA VAL A 118 -15.04 -10.29 0.47
C VAL A 118 -15.25 -10.27 1.99
N ARG A 119 -15.05 -11.43 2.63
CA ARG A 119 -15.24 -11.54 4.08
C ARG A 119 -14.08 -12.26 4.79
N LEU A 120 -13.09 -12.71 4.02
CA LEU A 120 -12.00 -13.46 4.62
C LEU A 120 -10.76 -13.51 3.73
N VAL A 121 -9.60 -13.49 4.38
CA VAL A 121 -8.30 -13.60 3.70
C VAL A 121 -7.71 -14.91 4.22
N GLU A 122 -7.27 -15.77 3.29
CA GLU A 122 -6.68 -17.00 3.71
C GLU A 122 -5.40 -17.23 2.93
N VAL A 123 -4.33 -17.55 3.65
CA VAL A 123 -3.04 -17.82 3.05
C VAL A 123 -2.75 -19.29 3.31
N GLY A 124 -2.32 -20.01 2.28
CA GLY A 124 -2.02 -21.43 2.47
C GLY A 124 -0.97 -21.95 1.50
N GLY A 125 -0.62 -23.23 1.65
CA GLY A 125 0.35 -23.86 0.78
C GLY A 125 1.73 -23.83 1.37
N ASP A 126 2.74 -23.95 0.52
CA ASP A 126 4.13 -23.95 0.98
C ASP A 126 4.68 -22.53 1.16
N VAL A 127 4.48 -21.96 2.33
CA VAL A 127 4.96 -20.62 2.58
C VAL A 127 5.18 -20.42 4.05
N GLN A 128 6.23 -19.67 4.38
CA GLN A 128 6.50 -19.34 5.76
C GLN A 128 5.99 -17.90 5.88
N LEU A 129 4.94 -17.74 6.66
CA LEU A 129 4.31 -16.46 6.85
C LEU A 129 4.90 -15.72 8.05
N ASP A 130 5.37 -14.50 7.85
CA ASP A 130 5.94 -13.73 8.95
C ASP A 130 4.96 -12.70 9.51
N SER A 131 4.10 -12.18 8.64
CA SER A 131 3.11 -11.19 9.03
C SER A 131 2.14 -10.92 7.91
N VAL A 132 0.90 -10.67 8.29
CA VAL A 132 -0.19 -10.34 7.38
C VAL A 132 -0.91 -9.15 8.03
N ARG A 133 -0.82 -7.98 7.42
CA ARG A 133 -1.47 -6.76 7.94
C ARG A 133 -2.48 -6.24 6.92
N ILE A 134 -3.55 -5.64 7.42
CA ILE A 134 -4.58 -5.07 6.56
C ILE A 134 -4.70 -3.60 6.98
N PHE A 135 -4.33 -2.68 6.08
CA PHE A 135 -4.38 -1.26 6.38
C PHE A 135 -5.54 -0.62 5.69
N SER B 1 22.34 13.92 -0.14
CA SER B 1 21.07 13.14 -0.09
C SER B 1 20.74 12.56 -1.48
N ASN B 2 19.87 13.26 -2.20
CA ASN B 2 19.45 12.86 -3.53
C ASN B 2 18.99 14.12 -4.26
N VAL B 3 18.24 14.94 -3.50
CA VAL B 3 17.66 16.19 -3.97
C VAL B 3 16.15 16.02 -3.75
N PRO B 4 15.38 17.12 -3.75
CA PRO B 4 13.94 16.89 -3.54
C PRO B 4 13.40 15.93 -4.61
N HIS B 5 12.24 15.32 -4.35
CA HIS B 5 11.66 14.42 -5.34
C HIS B 5 10.31 14.95 -5.80
N LYS B 6 10.02 14.77 -7.08
CA LYS B 6 8.76 15.21 -7.67
C LYS B 6 8.26 14.17 -8.68
N SER B 7 7.03 13.71 -8.51
CA SER B 7 6.42 12.76 -9.44
C SER B 7 5.07 13.30 -9.84
N SER B 8 4.72 13.07 -11.09
CA SER B 8 3.46 13.55 -11.61
C SER B 8 2.37 12.50 -11.52
N LEU B 9 1.16 12.99 -11.38
CA LEU B 9 -0.04 12.17 -11.31
C LEU B 9 -0.91 12.91 -12.31
N PRO B 10 -0.65 12.68 -13.60
CA PRO B 10 -1.37 13.30 -14.73
C PRO B 10 -2.89 13.16 -14.66
N GLU B 11 -3.34 11.97 -14.23
CA GLU B 11 -4.77 11.70 -14.09
C GLU B 11 -5.24 12.04 -12.68
N GLY B 12 -4.32 12.16 -11.74
CA GLY B 12 -4.70 12.49 -10.37
C GLY B 12 -4.73 11.20 -9.59
N ILE B 13 -5.40 11.16 -8.43
CA ILE B 13 -5.44 9.93 -7.65
C ILE B 13 -6.85 9.51 -7.29
N ARG B 14 -7.02 8.21 -7.07
CA ARG B 14 -8.30 7.59 -6.73
C ARG B 14 -8.10 6.78 -5.44
N PRO B 15 -9.19 6.40 -4.77
CA PRO B 15 -9.03 5.60 -3.56
C PRO B 15 -8.34 4.30 -4.05
N GLY B 16 -7.33 3.86 -3.33
CA GLY B 16 -6.60 2.69 -3.76
C GLY B 16 -5.24 3.08 -4.31
N THR B 17 -4.96 4.38 -4.39
CA THR B 17 -3.65 4.81 -4.86
C THR B 17 -2.79 4.73 -3.63
N VAL B 18 -1.58 4.20 -3.79
CA VAL B 18 -0.69 4.07 -2.66
C VAL B 18 0.66 4.67 -2.99
N LEU B 19 1.15 5.48 -2.07
CA LEU B 19 2.42 6.15 -2.21
C LEU B 19 3.36 5.50 -1.22
N ARG B 20 4.45 4.90 -1.68
CA ARG B 20 5.40 4.31 -0.74
C ARG B 20 6.74 5.04 -0.80
N ILE B 21 7.22 5.43 0.37
CA ILE B 21 8.48 6.17 0.47
C ILE B 21 9.44 5.54 1.46
N ARG B 22 10.63 5.20 1.00
CA ARG B 22 11.64 4.63 1.87
C ARG B 22 12.91 5.46 1.75
N GLY B 23 13.58 5.63 2.88
CA GLY B 23 14.83 6.37 2.93
C GLY B 23 15.23 6.49 4.38
N LEU B 24 16.07 7.46 4.69
CA LEU B 24 16.46 7.64 6.07
C LEU B 24 16.61 9.10 6.42
N VAL B 25 16.26 9.39 7.66
CA VAL B 25 16.33 10.71 8.24
C VAL B 25 17.76 10.87 8.70
N PRO B 26 18.60 11.62 7.95
CA PRO B 26 20.00 11.81 8.33
C PRO B 26 20.24 12.44 9.72
N PRO B 27 21.53 12.55 10.11
CA PRO B 27 21.86 13.15 11.40
C PRO B 27 21.87 14.64 11.05
N ASN B 28 21.41 15.47 11.98
CA ASN B 28 21.33 16.90 11.72
C ASN B 28 19.97 17.19 11.12
N ALA B 29 19.44 16.25 10.32
CA ALA B 29 18.11 16.42 9.71
C ALA B 29 17.22 17.07 10.78
N SER B 30 16.48 18.13 10.42
CA SER B 30 15.62 18.86 11.37
C SER B 30 14.13 18.57 11.13
N ARG B 31 13.78 18.40 9.86
CA ARG B 31 12.42 18.07 9.47
C ARG B 31 12.36 17.97 7.95
N PHE B 32 11.44 17.16 7.44
CA PHE B 32 11.28 17.01 6.00
C PHE B 32 9.77 16.97 5.76
N HIS B 33 9.36 16.87 4.51
CA HIS B 33 7.94 16.90 4.25
C HIS B 33 7.59 16.11 3.01
N VAL B 34 6.31 15.76 2.90
CA VAL B 34 5.77 15.09 1.73
C VAL B 34 4.54 15.92 1.38
N ASN B 35 4.47 16.38 0.14
CA ASN B 35 3.33 17.21 -0.29
C ASN B 35 2.57 16.62 -1.46
N LEU B 36 1.25 16.68 -1.39
CA LEU B 36 0.43 16.23 -2.51
C LEU B 36 -0.12 17.58 -2.94
N LEU B 37 0.37 18.09 -4.08
CA LEU B 37 -0.02 19.40 -4.63
C LEU B 37 -1.04 19.36 -5.74
N CYS B 38 -1.85 20.41 -5.84
CA CYS B 38 -2.88 20.48 -6.87
C CYS B 38 -2.40 21.23 -8.09
N GLY B 39 -1.12 21.49 -8.15
CA GLY B 39 -0.55 22.18 -9.29
C GLY B 39 0.89 21.75 -9.38
N GLU B 40 1.66 22.32 -10.29
CA GLU B 40 3.06 21.92 -10.43
C GLU B 40 4.01 22.86 -9.74
N GLU B 41 3.51 24.02 -9.36
CA GLU B 41 4.37 25.04 -8.76
C GLU B 41 4.50 25.25 -7.26
N GLN B 42 4.84 26.50 -7.00
CA GLN B 42 5.06 27.13 -5.72
C GLN B 42 3.69 27.65 -5.35
N GLY B 43 3.40 27.75 -4.06
CA GLY B 43 2.11 28.28 -3.63
C GLY B 43 0.92 27.48 -4.12
N SER B 44 1.18 26.36 -4.80
CA SER B 44 0.09 25.50 -5.29
C SER B 44 -0.67 24.99 -4.06
N ASP B 45 -1.99 24.88 -4.16
CA ASP B 45 -2.77 24.37 -3.03
C ASP B 45 -2.28 22.96 -2.72
N ALA B 46 -2.31 22.57 -1.46
CA ALA B 46 -1.85 21.25 -1.05
C ALA B 46 -2.97 20.41 -0.43
N ALA B 47 -3.29 19.29 -1.05
CA ALA B 47 -4.33 18.39 -0.53
C ALA B 47 -3.80 17.81 0.77
N LEU B 48 -2.50 17.59 0.80
CA LEU B 48 -1.86 17.04 1.99
C LEU B 48 -0.41 17.49 2.18
N HIS B 49 -0.12 17.94 3.40
CA HIS B 49 1.21 18.37 3.76
C HIS B 49 1.52 17.53 5.00
N PHE B 50 2.47 16.61 4.85
CA PHE B 50 2.88 15.69 5.92
C PHE B 50 4.29 16.18 6.29
N ASN B 51 4.39 16.75 7.48
CA ASN B 51 5.65 17.34 7.86
C ASN B 51 6.20 16.88 9.20
N PRO B 52 7.09 15.87 9.17
CA PRO B 52 7.67 15.37 10.41
C PRO B 52 8.81 16.33 10.84
N ARG B 53 8.63 16.95 12.00
CA ARG B 53 9.61 17.88 12.53
C ARG B 53 10.46 17.23 13.63
N LEU B 54 11.71 16.95 13.31
CA LEU B 54 12.63 16.31 14.25
C LEU B 54 13.03 17.25 15.38
N ASP B 55 13.78 18.31 15.06
CA ASP B 55 14.21 19.26 16.09
C ASP B 55 13.08 19.60 17.10
N THR B 56 11.84 19.70 16.62
CA THR B 56 10.73 20.01 17.52
C THR B 56 9.94 18.78 17.96
N SER B 57 10.39 17.59 17.57
CA SER B 57 9.70 16.33 17.93
C SER B 57 8.20 16.53 17.76
N GLU B 58 7.77 16.48 16.50
CA GLU B 58 6.39 16.76 16.15
C GLU B 58 6.19 16.34 14.69
N VAL B 59 5.07 15.69 14.38
CA VAL B 59 4.78 15.33 13.00
C VAL B 59 3.46 16.05 12.70
N VAL B 60 3.53 17.02 11.78
CA VAL B 60 2.36 17.82 11.42
C VAL B 60 1.70 17.50 10.07
N PHE B 61 0.38 17.58 10.08
CA PHE B 61 -0.46 17.33 8.91
C PHE B 61 -1.27 18.59 8.67
N ASN B 62 -1.48 18.94 7.42
CA ASN B 62 -2.27 20.12 7.08
C ASN B 62 -2.44 20.21 5.58
N SER B 63 -3.25 21.18 5.17
CA SER B 63 -3.48 21.41 3.77
C SER B 63 -3.24 22.91 3.53
N LYS B 64 -3.18 23.28 2.26
CA LYS B 64 -2.99 24.68 1.89
C LYS B 64 -4.00 25.00 0.79
N GLU B 65 -4.72 26.10 0.96
CA GLU B 65 -5.74 26.51 0.02
C GLU B 65 -5.64 28.00 -0.21
N GLN B 66 -5.45 28.41 -1.46
CA GLN B 66 -5.33 29.84 -1.78
C GLN B 66 -4.22 30.52 -1.00
N GLY B 67 -3.04 29.91 -0.98
CA GLY B 67 -1.90 30.49 -0.28
C GLY B 67 -1.89 30.45 1.23
N SER B 68 -2.91 29.85 1.83
CA SER B 68 -3.00 29.77 3.28
C SER B 68 -3.24 28.36 3.85
N TRP B 69 -2.53 28.07 4.95
CA TRP B 69 -2.62 26.80 5.66
C TRP B 69 -3.95 26.64 6.37
N GLY B 70 -4.38 25.41 6.54
CA GLY B 70 -5.64 25.18 7.22
C GLY B 70 -5.37 24.83 8.66
N ARG B 71 -6.32 24.17 9.31
CA ARG B 71 -6.17 23.77 10.70
C ARG B 71 -5.11 22.68 10.78
N GLU B 72 -4.06 22.94 11.55
CA GLU B 72 -2.98 21.99 11.73
C GLU B 72 -3.44 20.74 12.49
N GLU B 73 -2.98 19.58 12.04
CA GLU B 73 -3.29 18.30 12.68
C GLU B 73 -1.91 17.75 13.08
N ARG B 74 -1.83 17.13 14.26
CA ARG B 74 -0.55 16.61 14.72
C ARG B 74 -0.51 15.13 14.91
N GLY B 75 0.67 14.57 14.68
CA GLY B 75 0.86 13.14 14.82
C GLY B 75 1.34 12.65 16.17
N PRO B 76 0.64 11.66 16.78
CA PRO B 76 1.01 11.11 18.08
C PRO B 76 2.40 10.47 18.09
N GLY B 77 3.40 11.23 18.53
CA GLY B 77 4.78 10.75 18.59
C GLY B 77 5.58 11.07 17.36
N VAL B 78 6.90 10.88 17.42
CA VAL B 78 7.74 11.13 16.26
C VAL B 78 8.48 9.87 15.84
N PRO B 79 7.75 8.97 15.15
CA PRO B 79 8.20 7.66 14.62
C PRO B 79 9.46 7.71 13.78
N PHE B 80 10.11 8.86 13.73
CA PHE B 80 11.32 8.95 12.93
C PHE B 80 12.50 9.21 13.85
N GLN B 81 13.68 8.77 13.43
CA GLN B 81 14.86 8.97 14.26
C GLN B 81 16.08 9.26 13.42
N ARG B 82 16.80 10.28 13.85
CA ARG B 82 18.00 10.75 13.20
C ARG B 82 18.94 9.59 12.87
N GLY B 83 19.34 9.50 11.61
CA GLY B 83 20.23 8.45 11.13
C GLY B 83 19.53 7.20 10.57
N GLN B 84 18.53 6.74 11.32
CA GLN B 84 17.75 5.54 10.99
C GLN B 84 16.85 5.59 9.75
N PRO B 85 16.72 4.45 9.05
CA PRO B 85 15.87 4.37 7.86
C PRO B 85 14.40 4.32 8.28
N PHE B 86 13.50 4.50 7.34
CA PHE B 86 12.07 4.47 7.63
C PHE B 86 11.31 4.11 6.37
N GLU B 87 10.03 3.82 6.53
CA GLU B 87 9.19 3.48 5.39
C GLU B 87 7.81 4.04 5.68
N VAL B 88 7.31 4.83 4.75
CA VAL B 88 6.00 5.43 4.90
C VAL B 88 5.14 5.01 3.76
N LEU B 89 3.88 4.71 4.08
CA LEU B 89 2.90 4.34 3.09
C LEU B 89 1.82 5.40 3.21
N ILE B 90 1.44 6.05 2.13
CA ILE B 90 0.35 6.99 2.21
C ILE B 90 -0.70 6.42 1.30
N ILE B 91 -1.81 6.00 1.90
CA ILE B 91 -2.89 5.36 1.18
C ILE B 91 -4.12 6.26 1.00
N ALA B 92 -4.55 6.43 -0.25
CA ALA B 92 -5.74 7.20 -0.50
C ALA B 92 -6.96 6.31 -0.32
N SER B 93 -7.82 6.70 0.61
CA SER B 93 -9.05 6.01 0.90
C SER B 93 -10.16 6.95 0.42
N ASP B 94 -11.42 6.51 0.46
CA ASP B 94 -12.50 7.37 -0.02
C ASP B 94 -12.84 8.55 0.88
N ASP B 95 -12.48 8.48 2.15
CA ASP B 95 -12.78 9.59 3.06
C ASP B 95 -11.55 10.30 3.66
N GLY B 96 -10.36 9.72 3.47
CA GLY B 96 -9.13 10.32 3.98
C GLY B 96 -7.88 9.64 3.45
N PHE B 97 -6.71 10.12 3.90
CA PHE B 97 -5.43 9.54 3.53
C PHE B 97 -5.00 8.79 4.78
N LYS B 98 -4.61 7.52 4.63
CA LYS B 98 -4.14 6.77 5.78
C LYS B 98 -2.60 6.79 5.72
N ALA B 99 -2.00 7.21 6.81
CA ALA B 99 -0.55 7.28 6.90
C ALA B 99 -0.07 6.12 7.75
N VAL B 100 0.72 5.25 7.12
CA VAL B 100 1.28 4.10 7.80
C VAL B 100 2.77 4.29 7.88
N VAL B 101 3.27 4.34 9.10
CA VAL B 101 4.70 4.49 9.32
C VAL B 101 5.22 3.16 9.84
N GLY B 102 6.06 2.51 9.01
CA GLY B 102 6.65 1.22 9.34
C GLY B 102 5.84 0.29 10.25
N ASP B 103 4.84 -0.39 9.70
CA ASP B 103 4.06 -1.35 10.48
C ASP B 103 2.78 -0.91 11.19
N ALA B 104 2.78 0.28 11.76
CA ALA B 104 1.60 0.73 12.47
C ALA B 104 0.89 1.82 11.69
N GLN B 105 -0.44 1.80 11.69
CA GLN B 105 -1.17 2.86 11.04
C GLN B 105 -0.65 3.99 11.92
N TYR B 106 -0.72 5.24 11.46
CA TYR B 106 -0.18 6.31 12.28
C TYR B 106 -1.12 7.49 12.42
N HIS B 107 -1.89 7.74 11.37
CA HIS B 107 -2.82 8.86 11.36
C HIS B 107 -3.70 8.79 10.14
N HIS B 108 -4.93 9.26 10.28
CA HIS B 108 -5.86 9.30 9.17
C HIS B 108 -6.16 10.77 8.98
N PHE B 109 -6.02 11.22 7.72
CA PHE B 109 -6.28 12.59 7.38
C PHE B 109 -7.50 12.77 6.45
N ARG B 110 -8.55 13.34 7.01
CA ARG B 110 -9.81 13.63 6.34
C ARG B 110 -9.55 14.46 5.08
N HIS B 111 -10.08 14.06 3.91
CA HIS B 111 -9.85 14.83 2.66
C HIS B 111 -10.40 16.24 2.81
N ARG B 112 -9.53 17.24 2.68
CA ARG B 112 -9.96 18.62 2.81
C ARG B 112 -10.18 19.15 1.42
N LEU B 113 -9.41 18.64 0.47
CA LEU B 113 -9.54 19.05 -0.92
C LEU B 113 -9.97 17.85 -1.74
N PRO B 114 -10.51 18.07 -2.95
CA PRO B 114 -10.92 16.92 -3.78
C PRO B 114 -9.72 16.14 -4.32
N LEU B 115 -9.79 14.82 -4.20
CA LEU B 115 -8.72 13.94 -4.67
C LEU B 115 -8.42 14.20 -6.14
N ALA B 116 -9.46 14.51 -6.91
CA ALA B 116 -9.29 14.77 -8.34
C ALA B 116 -8.32 15.90 -8.65
N ARG B 117 -8.21 16.88 -7.74
CA ARG B 117 -7.33 18.04 -7.91
C ARG B 117 -5.86 17.77 -7.74
N VAL B 118 -5.50 16.67 -7.07
CA VAL B 118 -4.09 16.36 -6.85
C VAL B 118 -3.34 16.07 -8.17
N ARG B 119 -2.19 16.70 -8.35
CA ARG B 119 -1.45 16.55 -9.58
C ARG B 119 0.04 16.23 -9.43
N LEU B 120 0.57 16.41 -8.23
CA LEU B 120 1.99 16.18 -8.05
C LEU B 120 2.37 15.77 -6.65
N VAL B 121 3.40 14.94 -6.54
CA VAL B 121 3.88 14.53 -5.24
C VAL B 121 5.27 15.13 -5.15
N GLU B 122 5.61 15.66 -3.98
CA GLU B 122 6.93 16.22 -3.80
C GLU B 122 7.42 15.89 -2.39
N VAL B 123 8.64 15.39 -2.33
CA VAL B 123 9.24 15.06 -1.07
C VAL B 123 10.53 15.86 -1.01
N GLY B 124 10.80 16.45 0.13
CA GLY B 124 12.01 17.24 0.28
C GLY B 124 12.20 17.54 1.74
N GLY B 125 13.25 18.29 2.05
CA GLY B 125 13.53 18.60 3.43
C GLY B 125 14.71 17.73 3.83
N ASP B 126 14.89 17.51 5.12
CA ASP B 126 16.02 16.70 5.56
C ASP B 126 15.72 15.22 5.47
N VAL B 127 16.01 14.62 4.32
CA VAL B 127 15.74 13.20 4.14
C VAL B 127 16.45 12.60 2.94
N GLN B 128 17.06 11.43 3.15
CA GLN B 128 17.72 10.75 2.04
C GLN B 128 16.67 9.78 1.53
N LEU B 129 16.29 9.97 0.27
CA LEU B 129 15.29 9.15 -0.36
C LEU B 129 15.86 7.92 -1.08
N ASP B 130 15.43 6.76 -0.63
CA ASP B 130 15.86 5.50 -1.21
C ASP B 130 14.98 5.17 -2.41
N SER B 131 13.67 5.34 -2.23
CA SER B 131 12.70 5.10 -3.30
C SER B 131 11.34 5.73 -3.01
N VAL B 132 10.62 6.09 -4.06
CA VAL B 132 9.30 6.68 -3.93
C VAL B 132 8.49 6.05 -5.03
N ARG B 133 7.43 5.33 -4.67
CA ARG B 133 6.63 4.70 -5.69
C ARG B 133 5.19 5.02 -5.50
N ILE B 134 4.47 5.02 -6.61
CA ILE B 134 3.05 5.27 -6.61
C ILE B 134 2.44 4.02 -7.20
N PHE B 135 1.61 3.34 -6.43
CA PHE B 135 0.97 2.14 -6.93
C PHE B 135 -0.51 2.39 -7.11
#